data_4HCE
#
_entry.id   4HCE
#
_cell.length_a   40.884
_cell.length_b   78.770
_cell.length_c   100.694
_cell.angle_alpha   90.00
_cell.angle_beta   90.00
_cell.angle_gamma   90.00
#
_symmetry.space_group_name_H-M   'P 21 21 21'
#
loop_
_entity.id
_entity.type
_entity.pdbx_description
1 polymer 'Cell division control protein 13'
2 water water
#
_entity_poly.entity_id   1
_entity_poly.type   'polypeptide(L)'
_entity_poly.pdbx_seq_one_letter_code
;KAISYEQLSLASVGSVERLEGKIVGMNPPQFASINEFKYCTLKLYFTQLLPNVPDKVLVPGVNCIEIVIPTRERICELFG
VLNCQSDKISDILLLEKPDRISVEVERILWDNDKTASPGMAVWSLKNISTDTQAQAQVQVPAQSSASIDPSR
;
_entity_poly.pdbx_strand_id   A,B
#
# COMPACT_ATOMS: atom_id res chain seq x y z
N ILE A 3 -16.65 -14.47 -6.76
CA ILE A 3 -15.67 -13.88 -5.81
C ILE A 3 -15.67 -12.33 -5.86
N SER A 4 -16.31 -11.72 -4.87
CA SER A 4 -16.31 -10.27 -4.71
C SER A 4 -15.00 -9.78 -4.08
N TYR A 5 -14.75 -8.48 -4.17
CA TYR A 5 -13.56 -7.89 -3.57
C TYR A 5 -13.62 -7.98 -2.06
N GLU A 6 -14.82 -7.85 -1.49
CA GLU A 6 -15.01 -7.97 -0.06
C GLU A 6 -14.58 -9.34 0.44
N GLN A 7 -14.97 -10.40 -0.29
CA GLN A 7 -14.58 -11.76 0.09
C GLN A 7 -13.09 -11.98 -0.06
N LEU A 8 -12.48 -11.30 -1.02
CA LEU A 8 -11.03 -11.34 -1.23
C LEU A 8 -10.27 -10.63 -0.10
N SER A 9 -10.86 -9.59 0.46
CA SER A 9 -10.22 -8.86 1.57
C SER A 9 -10.26 -9.65 2.88
N LEU A 10 -11.13 -10.65 2.94
CA LEU A 10 -11.30 -11.44 4.16
C LEU A 10 -10.60 -12.80 4.10
N ALA A 11 -10.02 -13.12 2.95
CA ALA A 11 -9.45 -14.44 2.71
C ALA A 11 -8.40 -14.82 3.76
N SER A 12 -8.46 -16.05 4.24
CA SER A 12 -7.47 -16.56 5.19
C SER A 12 -6.11 -16.71 4.52
N VAL A 13 -5.06 -16.45 5.29
CA VAL A 13 -3.70 -16.65 4.84
C VAL A 13 -3.54 -18.09 4.34
N GLY A 14 -2.93 -18.23 3.16
CA GLY A 14 -2.74 -19.55 2.60
C GLY A 14 -3.68 -19.77 1.43
N SER A 15 -4.77 -18.99 1.36
CA SER A 15 -5.69 -19.03 0.21
C SER A 15 -4.94 -18.74 -1.06
N VAL A 16 -5.35 -19.43 -2.12
CA VAL A 16 -4.83 -19.22 -3.47
C VAL A 16 -6.02 -18.97 -4.40
N GLU A 17 -5.88 -18.03 -5.33
CA GLU A 17 -6.95 -17.73 -6.28
C GLU A 17 -6.41 -17.50 -7.69
N ARG A 18 -7.12 -18.07 -8.66
CA ARG A 18 -6.81 -17.85 -10.06
C ARG A 18 -7.83 -16.84 -10.59
N LEU A 19 -7.33 -15.73 -11.11
CA LEU A 19 -8.20 -14.63 -11.49
C LEU A 19 -7.79 -14.14 -12.87
N GLU A 20 -8.76 -13.64 -13.63
CA GLU A 20 -8.49 -13.07 -14.96
C GLU A 20 -9.04 -11.66 -15.08
N GLY A 21 -8.30 -10.81 -15.79
CA GLY A 21 -8.62 -9.39 -15.91
C GLY A 21 -7.42 -8.62 -16.40
N LYS A 22 -7.14 -7.47 -15.77
CA LYS A 22 -6.04 -6.60 -16.19
C LYS A 22 -5.26 -6.10 -15.00
N ILE A 23 -3.94 -6.11 -15.10
CA ILE A 23 -3.11 -5.20 -14.30
C ILE A 23 -3.35 -3.80 -14.88
N VAL A 24 -3.87 -2.91 -14.04
CA VAL A 24 -4.25 -1.56 -14.47
C VAL A 24 -3.30 -0.49 -13.98
N GLY A 25 -2.41 -0.83 -13.04
CA GLY A 25 -1.40 0.09 -12.56
C GLY A 25 -0.34 -0.59 -11.71
N MET A 26 0.67 0.20 -11.34
CA MET A 26 1.73 -0.26 -10.46
C MET A 26 2.13 0.84 -9.49
N ASN A 27 2.57 0.43 -8.31
CA ASN A 27 3.11 1.33 -7.30
C ASN A 27 4.46 0.84 -6.75
N PRO A 28 5.50 1.70 -6.77
CA PRO A 28 5.53 3.06 -7.34
C PRO A 28 5.31 3.03 -8.86
N PRO A 29 4.74 4.11 -9.42
CA PRO A 29 4.39 4.11 -10.82
C PRO A 29 5.58 4.50 -11.69
N GLN A 30 6.61 5.05 -11.05
CA GLN A 30 7.86 5.34 -11.73
C GLN A 30 9.04 4.82 -10.91
N PHE A 31 10.01 4.20 -11.59
CA PHE A 31 11.25 3.70 -10.98
C PHE A 31 12.32 3.32 -12.01
N ALA A 32 13.58 3.38 -11.58
CA ALA A 32 14.75 3.34 -12.45
C ALA A 32 15.54 2.02 -12.46
N SER A 33 15.56 1.33 -11.32
CA SER A 33 16.34 0.12 -11.18
C SER A 33 15.80 -0.71 -10.05
N ILE A 34 16.26 -1.96 -10.00
CA ILE A 34 16.00 -2.87 -8.87
C ILE A 34 16.30 -2.27 -7.46
N ASN A 35 17.32 -1.44 -7.34
CA ASN A 35 17.74 -0.92 -6.02
C ASN A 35 16.68 -0.10 -5.30
N GLU A 36 15.68 0.39 -6.04
CA GLU A 36 14.59 1.14 -5.45
C GLU A 36 13.65 0.27 -4.62
N PHE A 37 13.92 -1.02 -4.63
CA PHE A 37 13.08 -1.97 -3.92
C PHE A 37 13.77 -2.63 -2.72
N LYS A 38 14.81 -1.97 -2.20
CA LYS A 38 15.44 -2.41 -0.94
C LYS A 38 14.47 -2.34 0.27
N TYR A 39 13.86 -1.18 0.46
CA TYR A 39 12.83 -1.00 1.51
C TYR A 39 11.42 -0.93 0.93
N CYS A 40 11.30 -0.24 -0.20
CA CYS A 40 10.05 -0.11 -0.92
C CYS A 40 9.66 -1.41 -1.61
N THR A 41 8.35 -1.60 -1.75
CA THR A 41 7.82 -2.83 -2.31
C THR A 41 7.05 -2.55 -3.59
N LEU A 42 7.25 -3.39 -4.59
CA LEU A 42 6.53 -3.24 -5.84
C LEU A 42 5.13 -3.84 -5.68
N LYS A 43 4.12 -3.07 -6.05
CA LYS A 43 2.71 -3.46 -5.97
C LYS A 43 2.07 -3.31 -7.33
N LEU A 44 1.22 -4.26 -7.69
CA LEU A 44 0.45 -4.21 -8.93
C LEU A 44 -1.03 -4.16 -8.57
N TYR A 45 -1.85 -3.58 -9.44
CA TYR A 45 -3.27 -3.42 -9.16
C TYR A 45 -4.08 -4.18 -10.17
N PHE A 46 -4.85 -5.15 -9.69
CA PHE A 46 -5.59 -6.05 -10.55
C PHE A 46 -7.08 -5.76 -10.47
N THR A 47 -7.76 -5.90 -11.59
CA THR A 47 -9.19 -5.70 -11.67
C THR A 47 -9.78 -6.39 -12.89
N GLN A 48 -11.10 -6.49 -12.94
CA GLN A 48 -11.75 -6.83 -14.21
C GLN A 48 -12.23 -5.55 -14.89
N LEU A 49 -11.92 -5.42 -16.17
CA LEU A 49 -12.11 -4.14 -16.85
C LEU A 49 -13.50 -3.98 -17.46
N LEU A 50 -13.89 -2.71 -17.57
CA LEU A 50 -15.21 -2.27 -17.99
C LEU A 50 -15.37 -2.37 -19.50
N PRO A 51 -16.42 -3.07 -19.97
CA PRO A 51 -16.65 -3.25 -21.41
C PRO A 51 -16.73 -1.92 -22.18
N ASN A 52 -17.66 -1.05 -21.79
CA ASN A 52 -17.87 0.21 -22.49
C ASN A 52 -18.18 1.37 -21.55
N VAL A 53 -17.35 1.54 -20.51
CA VAL A 53 -17.64 2.50 -19.44
C VAL A 53 -16.32 2.98 -18.81
N PRO A 54 -16.33 4.13 -18.11
CA PRO A 54 -15.17 4.43 -17.25
C PRO A 54 -15.21 3.52 -16.01
N ASP A 55 -14.06 3.08 -15.47
CA ASP A 55 -12.70 3.58 -15.71
C ASP A 55 -12.28 4.71 -14.77
N LYS A 56 -11.46 4.35 -13.79
CA LYS A 56 -10.55 5.26 -13.09
C LYS A 56 -10.14 5.06 -11.63
N VAL A 57 -10.89 5.65 -10.70
CA VAL A 57 -10.34 5.79 -9.35
C VAL A 57 -10.34 4.41 -8.72
N LEU A 58 -9.14 3.84 -8.66
CA LEU A 58 -8.91 2.60 -7.96
C LEU A 58 -9.06 2.86 -6.48
N VAL A 59 -9.75 1.97 -5.79
CA VAL A 59 -9.65 1.88 -4.35
C VAL A 59 -9.33 0.42 -4.03
N PRO A 60 -8.03 0.16 -3.72
CA PRO A 60 -7.52 -1.18 -3.47
C PRO A 60 -8.35 -1.87 -2.41
N GLY A 61 -8.69 -3.13 -2.65
CA GLY A 61 -9.49 -3.86 -1.67
C GLY A 61 -10.99 -3.78 -1.86
N VAL A 62 -11.46 -2.74 -2.54
CA VAL A 62 -12.89 -2.60 -2.80
C VAL A 62 -13.17 -2.64 -4.30
N ASN A 63 -12.27 -2.05 -5.08
CA ASN A 63 -12.38 -1.83 -6.52
C ASN A 63 -11.43 -2.73 -7.33
N CYS A 64 -10.47 -3.29 -6.61
CA CYS A 64 -9.38 -3.98 -7.24
C CYS A 64 -8.64 -4.67 -6.12
N ILE A 65 -7.67 -5.51 -6.47
CA ILE A 65 -6.72 -5.95 -5.46
C ILE A 65 -5.34 -5.41 -5.73
N GLU A 66 -4.67 -5.12 -4.63
CA GLU A 66 -3.25 -4.84 -4.66
C GLU A 66 -2.49 -6.16 -4.56
N ILE A 67 -1.57 -6.37 -5.49
CA ILE A 67 -0.72 -7.56 -5.51
C ILE A 67 0.72 -7.10 -5.22
N VAL A 68 1.33 -7.60 -4.15
CA VAL A 68 2.73 -7.25 -3.83
C VAL A 68 3.70 -8.28 -4.41
N ILE A 69 4.84 -7.79 -4.89
CA ILE A 69 5.95 -8.66 -5.26
C ILE A 69 6.95 -8.44 -4.12
N PRO A 70 6.90 -9.30 -3.09
CA PRO A 70 7.51 -9.02 -1.79
C PRO A 70 9.05 -8.79 -1.72
N THR A 71 9.83 -9.36 -2.64
CA THR A 71 11.30 -9.21 -2.61
C THR A 71 11.90 -8.79 -3.96
N ARG A 72 13.10 -8.20 -3.92
CA ARG A 72 13.86 -7.91 -5.15
C ARG A 72 14.14 -9.18 -5.97
N GLU A 73 14.49 -10.25 -5.26
CA GLU A 73 14.73 -11.56 -5.88
C GLU A 73 13.52 -12.01 -6.73
N ARG A 74 12.33 -11.91 -6.15
CA ARG A 74 11.10 -12.16 -6.88
C ARG A 74 10.86 -11.20 -8.07
N ILE A 75 11.10 -9.90 -7.89
CA ILE A 75 10.97 -8.96 -9.01
C ILE A 75 11.80 -9.42 -10.23
N CYS A 76 13.09 -9.66 -10.00
CA CYS A 76 13.98 -10.13 -11.05
C CYS A 76 13.55 -11.44 -11.70
N GLU A 77 13.15 -12.42 -10.86
CA GLU A 77 12.73 -13.73 -11.34
C GLU A 77 11.61 -13.61 -12.36
N LEU A 78 10.65 -12.75 -12.08
CA LEU A 78 9.52 -12.55 -12.99
C LEU A 78 9.88 -11.67 -14.19
N PHE A 79 10.56 -10.56 -13.93
CA PHE A 79 10.67 -9.44 -14.85
C PHE A 79 12.07 -9.27 -15.43
N GLY A 80 13.11 -9.68 -14.69
CA GLY A 80 14.51 -9.51 -15.09
C GLY A 80 15.15 -8.25 -14.54
N VAL A 81 16.32 -8.38 -13.91
CA VAL A 81 17.04 -7.23 -13.36
C VAL A 81 17.29 -6.16 -14.44
N LEU A 82 17.54 -6.61 -15.66
CA LEU A 82 17.69 -5.74 -16.83
C LEU A 82 16.41 -4.99 -17.21
N ASN A 83 15.26 -5.42 -16.70
CA ASN A 83 13.98 -4.83 -17.11
C ASN A 83 13.30 -4.05 -16.01
N CYS A 84 13.97 -3.92 -14.86
CA CYS A 84 13.35 -3.33 -13.68
C CYS A 84 13.39 -1.79 -13.75
N GLN A 85 12.75 -1.28 -14.81
CA GLN A 85 12.42 0.13 -15.01
C GLN A 85 10.91 0.18 -15.24
N SER A 86 10.26 1.22 -14.71
CA SER A 86 8.78 1.30 -14.78
C SER A 86 8.20 1.23 -16.22
N ASP A 87 8.88 1.84 -17.18
CA ASP A 87 8.49 1.78 -18.61
C ASP A 87 8.52 0.37 -19.22
N LYS A 88 9.55 -0.39 -18.87
CA LYS A 88 9.74 -1.72 -19.39
C LYS A 88 8.74 -2.70 -18.76
N ILE A 89 8.51 -2.55 -17.45
CA ILE A 89 7.58 -3.43 -16.75
C ILE A 89 6.14 -3.16 -17.17
N SER A 90 5.81 -1.88 -17.38
CA SER A 90 4.54 -1.51 -17.98
C SER A 90 4.29 -2.22 -19.32
N ASP A 91 5.29 -2.21 -20.22
CA ASP A 91 5.23 -2.98 -21.47
C ASP A 91 5.02 -4.49 -21.22
N ILE A 92 5.86 -5.07 -20.35
CA ILE A 92 5.76 -6.49 -19.98
C ILE A 92 4.36 -6.83 -19.40
N LEU A 93 3.82 -5.95 -18.55
CA LEU A 93 2.49 -6.20 -17.96
C LEU A 93 1.34 -5.78 -18.88
N LEU A 94 1.66 -5.18 -20.04
CA LEU A 94 0.66 -4.85 -21.06
C LEU A 94 -0.42 -3.86 -20.60
N LEU A 95 -0.03 -2.92 -19.74
CA LEU A 95 -0.97 -2.02 -19.09
C LEU A 95 -1.60 -0.98 -20.03
N GLU A 96 -1.16 -1.01 -21.28
CA GLU A 96 -1.56 -0.04 -22.29
C GLU A 96 -2.11 -0.74 -23.52
N LYS A 97 -2.14 -2.08 -23.47
CA LYS A 97 -2.82 -2.90 -24.45
C LYS A 97 -4.14 -3.32 -23.82
N PRO A 98 -5.16 -3.69 -24.62
CA PRO A 98 -6.41 -4.12 -23.98
C PRO A 98 -6.35 -5.57 -23.50
N ASP A 99 -5.32 -6.31 -23.90
CA ASP A 99 -5.20 -7.74 -23.65
C ASP A 99 -5.37 -8.15 -22.18
N ARG A 100 -6.22 -9.14 -21.97
CA ARG A 100 -6.52 -9.68 -20.66
C ARG A 100 -5.34 -10.45 -20.10
N ILE A 101 -5.18 -10.39 -18.78
CA ILE A 101 -4.12 -11.09 -18.06
C ILE A 101 -4.72 -12.13 -17.12
N SER A 102 -3.91 -13.12 -16.76
CA SER A 102 -4.29 -14.18 -15.85
C SER A 102 -3.28 -14.29 -14.72
N VAL A 103 -3.76 -14.18 -13.48
CA VAL A 103 -2.90 -14.21 -12.31
C VAL A 103 -3.32 -15.29 -11.33
N GLU A 104 -2.35 -15.79 -10.59
CA GLU A 104 -2.60 -16.64 -9.45
C GLU A 104 -2.06 -15.92 -8.25
N VAL A 105 -2.93 -15.62 -7.29
CA VAL A 105 -2.48 -14.91 -6.12
C VAL A 105 -2.61 -15.77 -4.87
N GLU A 106 -1.66 -15.56 -3.97
CA GLU A 106 -1.63 -16.25 -2.67
C GLU A 106 -1.75 -15.23 -1.52
N ARG A 107 -2.64 -15.49 -0.57
CA ARG A 107 -2.72 -14.72 0.67
C ARG A 107 -1.56 -15.11 1.56
N ILE A 108 -0.68 -14.16 1.81
CA ILE A 108 0.51 -14.41 2.63
C ILE A 108 0.53 -13.50 3.85
N LEU A 109 1.18 -14.02 4.89
CA LEU A 109 1.50 -13.24 6.05
C LEU A 109 2.80 -12.56 5.71
N TRP A 110 2.73 -11.26 5.45
CA TRP A 110 3.89 -10.54 5.06
C TRP A 110 4.51 -9.87 6.25
N ASP A 111 5.64 -10.42 6.66
CA ASP A 111 6.43 -9.97 7.80
C ASP A 111 7.90 -10.23 7.45
N ASN A 112 8.73 -9.21 7.24
CA ASN A 112 8.46 -7.76 7.29
C ASN A 112 9.59 -7.08 8.09
N ASP A 113 10.77 -7.70 8.05
CA ASP A 113 11.93 -7.31 8.86
C ASP A 113 11.77 -7.69 10.33
N LYS A 114 10.50 -7.83 10.74
CA LYS A 114 10.11 -8.14 12.13
C LYS A 114 10.57 -7.06 13.12
N THR A 115 10.65 -5.83 12.64
CA THR A 115 11.22 -4.67 13.37
C THR A 115 10.16 -3.77 14.04
N ALA A 116 9.69 -4.19 15.22
CA ALA A 116 8.53 -3.59 15.92
C ALA A 116 7.32 -3.34 15.00
N SER A 117 7.43 -3.90 13.80
CA SER A 117 6.38 -3.95 12.80
C SER A 117 5.42 -5.09 13.15
N PRO A 118 4.20 -5.02 12.61
CA PRO A 118 3.42 -6.25 12.56
C PRO A 118 3.38 -6.76 11.13
N GLY A 119 3.19 -8.07 10.98
CA GLY A 119 2.87 -8.66 9.70
C GLY A 119 1.52 -8.18 9.18
N MET A 120 1.39 -8.16 7.87
CA MET A 120 0.15 -7.84 7.20
C MET A 120 -0.25 -8.98 6.28
N ALA A 121 -1.54 -9.30 6.26
CA ALA A 121 -2.07 -10.19 5.25
C ALA A 121 -2.12 -9.41 3.94
N VAL A 122 -1.51 -9.97 2.89
CA VAL A 122 -1.54 -9.36 1.58
C VAL A 122 -1.69 -10.42 0.47
N TRP A 123 -2.00 -9.97 -0.75
CA TRP A 123 -1.97 -10.82 -1.94
C TRP A 123 -0.62 -10.74 -2.53
N SER A 124 -0.05 -11.91 -2.78
CA SER A 124 1.28 -12.06 -3.34
C SER A 124 1.16 -12.68 -4.72
N LEU A 125 2.03 -12.28 -5.65
CA LEU A 125 1.97 -12.84 -6.99
C LEU A 125 2.54 -14.26 -7.05
N LYS A 126 1.65 -15.25 -7.17
CA LYS A 126 2.12 -16.64 -7.26
C LYS A 126 2.48 -17.06 -8.68
N ASN A 127 1.63 -16.74 -9.65
CA ASN A 127 1.91 -16.90 -11.09
C ASN A 127 1.16 -15.86 -11.87
N ILE A 128 1.69 -15.56 -13.06
CA ILE A 128 1.06 -14.64 -13.99
C ILE A 128 1.31 -15.14 -15.41
N SER A 129 0.26 -15.14 -16.24
CA SER A 129 0.37 -15.44 -17.66
C SER A 129 -0.14 -14.28 -18.51
N THR A 130 0.66 -13.90 -19.51
CA THR A 130 0.25 -12.99 -20.57
C THR A 130 -0.60 -13.70 -21.64
N ASP A 131 -0.48 -15.02 -21.71
CA ASP A 131 -1.16 -15.89 -22.69
C ASP A 131 -1.73 -15.16 -23.92
N ILE B 3 -18.53 -2.95 9.89
CA ILE B 3 -17.57 -2.35 10.87
C ILE B 3 -16.95 -1.02 10.36
N SER B 4 -16.20 -0.34 11.24
CA SER B 4 -15.81 1.02 10.93
C SER B 4 -14.79 1.10 9.81
N TYR B 5 -13.82 0.18 9.76
CA TYR B 5 -12.74 0.28 8.78
C TYR B 5 -13.20 -0.11 7.40
N GLU B 6 -14.05 -1.14 7.34
CA GLU B 6 -14.69 -1.51 6.10
C GLU B 6 -15.56 -0.37 5.58
N GLN B 7 -16.34 0.28 6.44
CA GLN B 7 -17.14 1.44 5.98
C GLN B 7 -16.28 2.65 5.66
N LEU B 8 -15.25 2.92 6.46
CA LEU B 8 -14.31 4.00 6.09
C LEU B 8 -13.70 3.84 4.71
N SER B 9 -13.43 2.58 4.33
CA SER B 9 -12.76 2.31 3.05
C SER B 9 -13.64 2.55 1.84
N LEU B 10 -14.91 2.85 2.10
CA LEU B 10 -15.88 3.20 1.09
C LEU B 10 -16.10 4.70 0.98
N ALA B 11 -15.44 5.50 1.84
CA ALA B 11 -15.59 6.96 1.91
C ALA B 11 -15.18 7.67 0.63
N SER B 12 -16.01 8.59 0.17
CA SER B 12 -15.76 9.30 -1.09
C SER B 12 -14.71 10.39 -0.87
N VAL B 13 -14.10 10.82 -1.97
CA VAL B 13 -13.08 11.85 -1.96
C VAL B 13 -13.70 13.13 -1.42
N GLY B 14 -12.99 13.83 -0.53
CA GLY B 14 -13.51 14.98 0.18
C GLY B 14 -13.75 14.70 1.66
N SER B 15 -14.03 13.44 2.02
CA SER B 15 -14.36 13.08 3.39
C SER B 15 -13.23 13.42 4.33
N VAL B 16 -13.59 13.93 5.50
CA VAL B 16 -12.63 14.17 6.58
C VAL B 16 -13.10 13.39 7.82
N GLU B 17 -12.22 12.57 8.36
CA GLU B 17 -12.53 11.81 9.58
C GLU B 17 -11.53 12.06 10.69
N ARG B 18 -12.06 12.10 11.92
CA ARG B 18 -11.23 12.12 13.09
C ARG B 18 -11.16 10.73 13.71
N LEU B 19 -9.96 10.21 13.85
CA LEU B 19 -9.78 8.89 14.45
C LEU B 19 -8.90 9.01 15.65
N GLU B 20 -9.15 8.13 16.61
CA GLU B 20 -8.39 8.07 17.83
C GLU B 20 -8.02 6.61 18.11
N GLY B 21 -6.81 6.40 18.63
CA GLY B 21 -6.31 5.05 18.82
C GLY B 21 -4.81 5.09 18.77
N LYS B 22 -4.24 4.22 17.94
CA LYS B 22 -2.80 4.10 17.89
C LYS B 22 -2.27 3.87 16.48
N ILE B 23 -1.10 4.43 16.23
CA ILE B 23 -0.36 4.04 15.04
C ILE B 23 0.39 2.79 15.43
N VAL B 24 0.10 1.72 14.69
CA VAL B 24 0.60 0.41 15.04
C VAL B 24 1.64 -0.08 14.02
N GLY B 25 1.99 0.75 13.06
CA GLY B 25 3.01 0.36 12.09
C GLY B 25 3.20 1.38 10.99
N MET B 26 4.31 1.23 10.29
CA MET B 26 4.58 2.06 9.14
C MET B 26 5.18 1.25 8.00
N ASN B 27 4.93 1.73 6.79
CA ASN B 27 5.45 1.15 5.59
C ASN B 27 6.06 2.23 4.69
N PRO B 28 7.32 2.04 4.26
CA PRO B 28 8.18 0.89 4.62
C PRO B 28 8.67 0.94 6.07
N PRO B 29 8.86 -0.23 6.71
CA PRO B 29 9.17 -0.24 8.15
C PRO B 29 10.60 0.17 8.48
N GLN B 30 11.46 0.15 7.47
CA GLN B 30 12.86 0.56 7.61
C GLN B 30 13.23 1.58 6.54
N PHE B 31 13.98 2.60 6.93
CA PHE B 31 14.49 3.59 5.96
C PHE B 31 15.46 4.49 6.67
N ALA B 32 16.38 5.10 5.91
CA ALA B 32 17.48 5.84 6.49
C ALA B 32 17.46 7.37 6.27
N SER B 33 16.78 7.84 5.23
CA SER B 33 16.74 9.27 4.94
C SER B 33 15.49 9.60 4.17
N ILE B 34 15.24 10.90 4.02
CA ILE B 34 14.15 11.44 3.22
C ILE B 34 14.22 10.99 1.76
N ASN B 35 15.43 10.67 1.28
CA ASN B 35 15.63 10.31 -0.13
C ASN B 35 14.91 9.02 -0.55
N GLU B 36 14.62 8.16 0.43
CA GLU B 36 13.87 6.93 0.22
C GLU B 36 12.48 7.18 -0.35
N PHE B 37 11.98 8.41 -0.17
CA PHE B 37 10.62 8.76 -0.54
C PHE B 37 10.49 9.61 -1.80
N LYS B 38 11.48 9.52 -2.68
CA LYS B 38 11.31 10.13 -4.00
C LYS B 38 10.21 9.40 -4.78
N TYR B 39 10.32 8.07 -4.85
CA TYR B 39 9.38 7.21 -5.57
C TYR B 39 8.42 6.47 -4.63
N CYS B 40 9.00 5.96 -3.54
CA CYS B 40 8.26 5.29 -2.49
C CYS B 40 7.44 6.24 -1.63
N THR B 41 6.35 5.73 -1.07
CA THR B 41 5.46 6.52 -0.21
C THR B 41 5.46 6.00 1.25
N LEU B 42 5.45 6.94 2.19
CA LEU B 42 5.36 6.60 3.59
C LEU B 42 3.88 6.41 3.95
N LYS B 43 3.60 5.24 4.51
CA LYS B 43 2.26 4.86 4.95
C LYS B 43 2.26 4.55 6.44
N LEU B 44 1.20 4.99 7.12
CA LEU B 44 1.03 4.64 8.54
C LEU B 44 -0.19 3.77 8.73
N TYR B 45 -0.14 2.87 9.70
CA TYR B 45 -1.29 2.04 10.03
C TYR B 45 -1.86 2.44 11.37
N PHE B 46 -3.15 2.70 11.35
CA PHE B 46 -3.88 3.21 12.48
C PHE B 46 -5.08 2.33 12.80
N THR B 47 -5.26 2.07 14.09
CA THR B 47 -6.41 1.31 14.60
C THR B 47 -6.71 1.63 16.08
N GLN B 48 -7.98 1.53 16.47
CA GLN B 48 -8.37 1.54 17.88
C GLN B 48 -8.87 0.14 18.31
N LEU B 49 -8.73 -0.83 17.42
CA LEU B 49 -9.15 -2.22 17.67
C LEU B 49 -7.95 -3.07 18.05
N LEU B 50 -7.90 -3.50 19.31
CA LEU B 50 -6.80 -4.35 19.79
C LEU B 50 -5.44 -3.93 19.24
N PRO B 51 -5.07 -2.64 19.38
CA PRO B 51 -3.79 -2.22 18.80
C PRO B 51 -2.57 -2.95 19.42
N ASN B 52 -2.73 -3.45 20.64
CA ASN B 52 -1.65 -4.04 21.44
C ASN B 52 -1.32 -5.48 21.05
N VAL B 53 -2.34 -6.31 21.04
CA VAL B 53 -2.19 -7.75 20.86
C VAL B 53 -1.04 -8.13 19.93
N PRO B 54 0.04 -8.72 20.50
CA PRO B 54 0.99 -9.41 19.62
C PRO B 54 0.32 -10.72 19.20
N ASP B 55 0.46 -11.08 17.93
CA ASP B 55 -0.45 -12.01 17.24
C ASP B 55 -1.17 -11.26 16.11
N LYS B 56 -1.34 -9.94 16.30
CA LYS B 56 -2.10 -9.12 15.36
C LYS B 56 -1.54 -9.17 13.95
N VAL B 57 -2.41 -9.55 13.02
CA VAL B 57 -2.10 -9.42 11.63
C VAL B 57 -2.92 -8.23 11.12
N LEU B 58 -2.22 -7.21 10.65
CA LEU B 58 -2.88 -6.03 10.12
C LEU B 58 -3.50 -6.37 8.78
N VAL B 59 -4.71 -5.90 8.56
CA VAL B 59 -5.30 -5.91 7.23
C VAL B 59 -5.99 -4.57 6.99
N PRO B 60 -5.27 -3.65 6.29
CA PRO B 60 -5.75 -2.30 5.93
C PRO B 60 -7.08 -2.38 5.24
N GLY B 61 -8.04 -1.58 5.72
CA GLY B 61 -9.36 -1.60 5.14
C GLY B 61 -10.32 -2.54 5.83
N VAL B 62 -9.82 -3.43 6.70
CA VAL B 62 -10.74 -4.22 7.53
C VAL B 62 -10.43 -4.09 9.02
N ASN B 63 -9.17 -3.87 9.33
CA ASN B 63 -8.61 -4.03 10.67
C ASN B 63 -8.08 -2.72 11.20
N CYS B 64 -7.75 -1.84 10.27
CA CYS B 64 -6.99 -0.65 10.50
C CYS B 64 -7.16 0.13 9.23
N ILE B 65 -6.71 1.38 9.22
CA ILE B 65 -6.61 2.05 7.94
C ILE B 65 -5.18 2.42 7.65
N GLU B 66 -4.86 2.39 6.36
CA GLU B 66 -3.64 2.92 5.79
C GLU B 66 -3.75 4.46 5.64
N ILE B 67 -2.74 5.18 6.08
CA ILE B 67 -2.70 6.63 5.94
C ILE B 67 -1.42 6.99 5.20
N VAL B 68 -1.55 7.65 4.06
CA VAL B 68 -0.41 8.05 3.29
C VAL B 68 -0.02 9.46 3.66
N ILE B 69 1.30 9.65 3.82
CA ILE B 69 1.96 10.97 3.84
C ILE B 69 2.52 11.10 2.42
N PRO B 70 1.83 11.83 1.55
CA PRO B 70 2.05 11.78 0.09
C PRO B 70 3.35 12.36 -0.52
N THR B 71 3.98 13.35 0.11
CA THR B 71 5.20 13.95 -0.47
C THR B 71 6.32 14.00 0.59
N ARG B 72 7.57 14.04 0.14
CA ARG B 72 8.73 14.29 1.04
C ARG B 72 8.62 15.59 1.85
N GLU B 73 8.06 16.62 1.24
CA GLU B 73 7.88 17.91 1.86
C GLU B 73 6.93 17.80 3.05
N ARG B 74 5.84 17.08 2.86
CA ARG B 74 4.90 16.84 3.94
C ARG B 74 5.50 15.97 5.05
N ILE B 75 6.31 14.98 4.68
CA ILE B 75 7.03 14.16 5.65
C ILE B 75 7.93 15.04 6.53
N CYS B 76 8.66 15.95 5.89
CA CYS B 76 9.57 16.85 6.58
C CYS B 76 8.86 17.80 7.53
N GLU B 77 7.78 18.39 7.04
CA GLU B 77 6.96 19.32 7.83
C GLU B 77 6.54 18.69 9.17
N LEU B 78 6.12 17.43 9.09
CA LEU B 78 5.58 16.71 10.23
C LEU B 78 6.70 16.22 11.16
N PHE B 79 7.73 15.65 10.55
CA PHE B 79 8.74 14.89 11.29
C PHE B 79 10.11 15.54 11.29
N GLY B 80 10.35 16.45 10.35
CA GLY B 80 11.66 17.08 10.22
C GLY B 80 12.56 16.23 9.38
N VAL B 81 13.35 16.87 8.51
CA VAL B 81 14.29 16.18 7.63
C VAL B 81 15.37 15.48 8.47
N LEU B 82 15.73 16.10 9.61
CA LEU B 82 16.75 15.58 10.52
C LEU B 82 16.33 14.31 11.26
N ASN B 83 15.04 14.00 11.25
CA ASN B 83 14.48 12.83 11.96
C ASN B 83 13.95 11.73 11.04
N CYS B 84 14.17 11.88 9.75
CA CYS B 84 13.58 10.97 8.77
C CYS B 84 14.34 9.65 8.62
N GLN B 85 14.53 8.95 9.75
CA GLN B 85 14.96 7.57 9.80
C GLN B 85 13.86 6.79 10.55
N SER B 86 13.69 5.51 10.24
CA SER B 86 12.55 4.76 10.76
C SER B 86 12.56 4.61 12.30
N ASP B 87 13.74 4.41 12.90
CA ASP B 87 13.86 4.42 14.37
C ASP B 87 13.33 5.69 15.00
N LYS B 88 13.66 6.83 14.38
CA LYS B 88 13.28 8.11 14.93
C LYS B 88 11.81 8.42 14.72
N ILE B 89 11.26 8.05 13.56
CA ILE B 89 9.84 8.27 13.26
C ILE B 89 9.02 7.35 14.15
N SER B 90 9.48 6.12 14.32
CA SER B 90 8.88 5.19 15.27
C SER B 90 8.72 5.79 16.70
N ASP B 91 9.79 6.35 17.25
CA ASP B 91 9.72 7.02 18.57
C ASP B 91 8.74 8.22 18.56
N ILE B 92 8.76 8.99 17.48
CA ILE B 92 7.91 10.17 17.40
C ILE B 92 6.45 9.75 17.35
N LEU B 93 6.16 8.67 16.64
CA LEU B 93 4.80 8.16 16.49
C LEU B 93 4.39 7.26 17.66
N LEU B 94 5.33 7.00 18.57
CA LEU B 94 5.04 6.24 19.79
C LEU B 94 4.57 4.79 19.55
N LEU B 95 5.11 4.16 18.50
CA LEU B 95 4.73 2.79 18.15
C LEU B 95 5.00 1.81 19.29
N GLU B 96 6.04 2.06 20.09
CA GLU B 96 6.38 1.12 21.18
C GLU B 96 5.91 1.58 22.55
N LYS B 97 5.06 2.59 22.56
CA LYS B 97 4.56 3.14 23.81
C LYS B 97 3.05 3.03 23.84
N PRO B 98 2.44 3.12 25.04
CA PRO B 98 0.97 3.00 25.08
C PRO B 98 0.21 4.32 24.74
N ASP B 99 0.94 5.41 24.62
CA ASP B 99 0.37 6.72 24.38
C ASP B 99 -0.53 6.77 23.17
N ARG B 100 -1.73 7.27 23.40
CA ARG B 100 -2.73 7.36 22.37
C ARG B 100 -2.53 8.52 21.43
N ILE B 101 -3.05 8.33 20.22
CA ILE B 101 -2.85 9.26 19.13
C ILE B 101 -4.20 9.62 18.56
N SER B 102 -4.31 10.86 18.13
CA SER B 102 -5.49 11.33 17.48
C SER B 102 -5.10 11.93 16.12
N VAL B 103 -5.83 11.56 15.08
CA VAL B 103 -5.51 12.02 13.72
C VAL B 103 -6.77 12.54 13.01
N GLU B 104 -6.59 13.50 12.14
CA GLU B 104 -7.61 13.80 11.17
C GLU B 104 -7.09 13.33 9.84
N VAL B 105 -7.90 12.56 9.14
CA VAL B 105 -7.50 12.03 7.85
C VAL B 105 -8.45 12.57 6.80
N GLU B 106 -7.92 12.71 5.58
CA GLU B 106 -8.67 13.26 4.48
C GLU B 106 -8.56 12.35 3.30
N ARG B 107 -9.71 12.02 2.71
CA ARG B 107 -9.81 11.17 1.56
C ARG B 107 -9.44 12.03 0.34
N ILE B 108 -8.36 11.66 -0.34
CA ILE B 108 -7.89 12.44 -1.51
C ILE B 108 -7.78 11.52 -2.73
N LEU B 109 -7.83 12.14 -3.90
CA LEU B 109 -7.52 11.48 -5.15
C LEU B 109 -6.03 11.72 -5.33
N TRP B 110 -5.29 10.63 -5.21
CA TRP B 110 -3.86 10.69 -5.18
C TRP B 110 -3.39 10.28 -6.53
N ASP B 111 -3.03 11.29 -7.32
CA ASP B 111 -2.69 11.07 -8.72
C ASP B 111 -1.19 11.25 -8.92
N ASN B 112 -0.51 10.11 -9.04
CA ASN B 112 0.92 10.02 -8.74
C ASN B 112 1.86 10.93 -9.51
N ASP B 113 2.22 10.49 -10.71
CA ASP B 113 3.49 10.91 -11.30
C ASP B 113 3.40 11.79 -12.54
N LYS B 114 2.68 11.32 -13.56
CA LYS B 114 2.58 12.04 -14.83
C LYS B 114 1.15 11.88 -15.35
N THR B 115 0.95 10.88 -16.22
CA THR B 115 -0.38 10.48 -16.68
C THR B 115 -1.10 9.63 -15.62
N ALA B 116 -0.62 9.72 -14.37
CA ALA B 116 -1.19 9.00 -13.21
C ALA B 116 -0.51 7.65 -12.92
N SER B 117 -1.30 6.68 -12.44
CA SER B 117 -0.83 5.33 -12.11
C SER B 117 -1.87 4.21 -12.29
N PRO B 118 -3.17 4.53 -12.48
CA PRO B 118 -3.95 5.77 -12.41
C PRO B 118 -4.05 6.36 -10.98
N GLY B 119 -4.85 7.42 -10.83
CA GLY B 119 -5.15 7.99 -9.53
C GLY B 119 -5.93 7.00 -8.67
N MET B 120 -5.66 6.99 -7.37
CA MET B 120 -6.47 6.17 -6.47
C MET B 120 -6.96 6.97 -5.28
N ALA B 121 -8.00 6.48 -4.62
CA ALA B 121 -8.49 7.17 -3.42
C ALA B 121 -7.72 6.61 -2.24
N VAL B 122 -7.12 7.49 -1.45
CA VAL B 122 -6.38 7.08 -0.27
C VAL B 122 -6.73 8.05 0.85
N TRP B 123 -6.43 7.64 2.08
CA TRP B 123 -6.45 8.52 3.22
C TRP B 123 -5.13 9.23 3.35
N SER B 124 -5.14 10.55 3.44
CA SER B 124 -3.91 11.25 3.75
C SER B 124 -3.96 11.95 5.10
N LEU B 125 -2.80 12.15 5.71
CA LEU B 125 -2.73 12.74 7.03
C LEU B 125 -2.99 14.22 7.01
N LYS B 126 -4.15 14.62 7.51
CA LYS B 126 -4.48 16.04 7.62
C LYS B 126 -3.86 16.64 8.89
N ASN B 127 -4.16 16.03 10.03
CA ASN B 127 -3.63 16.49 11.31
C ASN B 127 -3.28 15.30 12.17
N ILE B 128 -2.35 15.53 13.08
CA ILE B 128 -1.93 14.51 14.04
C ILE B 128 -1.55 15.16 15.36
N SER B 129 -2.10 14.57 16.41
CA SER B 129 -1.74 14.94 17.74
C SER B 129 -1.26 13.71 18.48
N THR B 130 -0.08 13.87 19.04
CA THR B 130 0.62 12.90 19.88
C THR B 130 0.09 12.98 21.31
N ASP B 131 -1.00 13.73 21.46
CA ASP B 131 -1.87 13.73 22.63
C ASP B 131 -3.29 13.39 22.14
N THR B 132 -4.29 13.42 23.02
CA THR B 132 -4.10 13.14 24.42
C THR B 132 -4.99 11.93 24.62
#